data_8JT9
#
_entry.id   8JT9
#
_cell.length_a   1.00
_cell.length_b   1.00
_cell.length_c   1.00
_cell.angle_alpha   90.00
_cell.angle_beta   90.00
_cell.angle_gamma   90.00
#
_symmetry.space_group_name_H-M   'P 1'
#
loop_
_entity.id
_entity.type
_entity.pdbx_description
1 polymer 'Synaptic vesicular amine transporter'
2 non-polymer 3-[2-[4-(4-fluorophenyl)carbonylpiperidin-1-yl]ethyl]-1~{H}-quinazoline-2,4-dione
#
_entity_poly.entity_id   1
_entity_poly.type   'polypeptide(L)'
_entity_poly.pdbx_seq_one_letter_code
;SRKLILFIVFLALLLDNMLLTVVVPIIPSYLYSIKHEKNATEIQTARPVHTASISDSFQSIFSYYDNSTMVTGNATRDLT
LHQTATQHMVTNASAVPSDCPSEDKDLLNENVQVGLLFASKATVQLITNPFIGLLTNRIGYPIPIFAGFCIMFVSTIMFA
FSSSYAFLLIARSLQGIGSSCSSVAGMGMLASVYTDDEERGNVMGIALGGLAMGVLVGPPFGSVLYEFVGKTAPFLVLAA
LVLLDGAIQLFVLQPSRVQPESQKGTPLTTLLKDPYILIAAGSICFANMGIAMLEPALPIWMMETMCSRKWQLGVAFLPA
SISYLIGTNIFGILAHKMGRWLCALLGMIIVGVSILCIPFAKNIYGLIAPNFGVGFAIGMVDSSMMPIMGYLVDLRHVSV
YGSVYAIADVAFCMGYAIGPSAGGAIAKAIGFPWLMTIIGIIDILFAPLCFFLRSPP
;
_entity_poly.pdbx_strand_id   A
#
# COMPACT_ATOMS: atom_id res chain seq x y z
N SER A 1 6.39 27.08 3.70
CA SER A 1 6.94 25.98 4.47
C SER A 1 5.92 24.86 4.63
N ARG A 2 5.48 24.31 3.49
CA ARG A 2 4.53 23.21 3.47
C ARG A 2 5.22 21.86 3.36
N LYS A 3 6.56 21.82 3.38
CA LYS A 3 7.27 20.56 3.39
C LYS A 3 7.05 19.78 4.68
N LEU A 4 6.60 20.44 5.74
CA LEU A 4 6.29 19.73 6.97
C LEU A 4 5.10 18.79 6.78
N ILE A 5 4.12 19.20 5.99
CA ILE A 5 3.00 18.31 5.69
C ILE A 5 3.48 17.08 4.94
N LEU A 6 4.38 17.28 3.97
CA LEU A 6 4.96 16.14 3.26
C LEU A 6 5.71 15.23 4.21
N PHE A 7 6.49 15.80 5.13
CA PHE A 7 7.22 14.98 6.09
C PHE A 7 6.27 14.19 6.99
N ILE A 8 5.17 14.82 7.41
CA ILE A 8 4.20 14.15 8.26
C ILE A 8 3.57 12.97 7.52
N VAL A 9 3.16 13.19 6.27
CA VAL A 9 2.57 12.10 5.49
C VAL A 9 3.58 10.98 5.26
N PHE A 10 4.81 11.36 4.92
CA PHE A 10 5.89 10.38 4.74
C PHE A 10 6.07 9.53 5.99
N LEU A 11 6.16 10.18 7.15
CA LEU A 11 6.36 9.46 8.40
C LEU A 11 5.18 8.56 8.72
N ALA A 12 3.96 9.06 8.51
CA ALA A 12 2.77 8.26 8.80
C ALA A 12 2.77 6.99 7.97
N LEU A 13 2.96 7.13 6.65
CA LEU A 13 2.98 5.95 5.77
C LEU A 13 4.12 5.01 6.14
N LEU A 14 5.30 5.57 6.41
CA LEU A 14 6.47 4.75 6.73
C LEU A 14 6.24 3.92 7.98
N LEU A 15 5.76 4.57 9.06
CA LEU A 15 5.56 3.84 10.31
C LEU A 15 4.41 2.85 10.18
N ASP A 16 3.35 3.20 9.45
CA ASP A 16 2.25 2.26 9.26
C ASP A 16 2.72 1.00 8.57
N ASN A 17 3.41 1.15 7.43
CA ASN A 17 3.89 -0.03 6.73
C ASN A 17 4.97 -0.76 7.51
N MET A 18 5.76 -0.03 8.30
CA MET A 18 6.74 -0.66 9.16
C MET A 18 6.08 -1.60 10.15
N LEU A 19 5.01 -1.15 10.80
CA LEU A 19 4.27 -2.02 11.70
C LEU A 19 3.67 -3.20 10.95
N LEU A 20 3.04 -2.92 9.80
CA LEU A 20 2.36 -3.97 9.05
C LEU A 20 3.32 -5.08 8.63
N THR A 21 4.57 -4.73 8.32
CA THR A 21 5.54 -5.73 7.91
C THR A 21 6.39 -6.25 9.06
N VAL A 22 6.38 -5.58 10.21
CA VAL A 22 7.23 -6.02 11.32
C VAL A 22 6.49 -6.99 12.23
N VAL A 23 5.16 -6.92 12.29
CA VAL A 23 4.43 -7.84 13.17
C VAL A 23 4.62 -9.28 12.72
N VAL A 24 4.88 -9.49 11.42
CA VAL A 24 4.75 -10.82 10.82
C VAL A 24 5.65 -11.87 11.47
N PRO A 25 6.97 -11.68 11.58
CA PRO A 25 7.84 -12.82 11.97
C PRO A 25 7.57 -13.39 13.35
N ILE A 26 6.99 -12.62 14.26
CA ILE A 26 6.95 -12.99 15.66
C ILE A 26 5.65 -13.70 16.04
N ILE A 27 4.51 -13.13 15.67
CA ILE A 27 3.23 -13.57 16.25
C ILE A 27 2.89 -15.02 15.97
N PRO A 28 2.98 -15.54 14.73
CA PRO A 28 2.48 -16.90 14.46
C PRO A 28 3.07 -17.99 15.36
N SER A 29 4.37 -17.92 15.67
CA SER A 29 4.96 -18.92 16.54
C SER A 29 4.35 -18.85 17.94
N TYR A 30 4.14 -17.64 18.45
CA TYR A 30 3.51 -17.49 19.76
C TYR A 30 2.07 -17.99 19.74
N LEU A 31 1.36 -17.75 18.64
CA LEU A 31 0.00 -18.27 18.51
C LEU A 31 0.00 -19.79 18.54
N TYR A 32 0.91 -20.42 17.81
CA TYR A 32 0.99 -21.87 17.81
C TYR A 32 1.35 -22.41 19.19
N SER A 33 2.28 -21.75 19.87
CA SER A 33 2.65 -22.18 21.22
C SER A 33 1.49 -22.05 22.19
N ILE A 34 0.73 -20.96 22.09
CA ILE A 34 -0.43 -20.77 22.95
C ILE A 34 -1.49 -21.82 22.67
N LYS A 35 -1.70 -22.15 21.39
CA LYS A 35 -2.65 -23.19 21.04
C LYS A 35 -2.23 -24.55 21.58
N HIS A 36 -0.93 -24.85 21.51
CA HIS A 36 -0.43 -26.12 22.02
C HIS A 36 -0.45 -26.16 23.55
N GLU A 37 -0.10 -25.05 24.19
CA GLU A 37 -0.06 -24.99 25.64
C GLU A 37 -1.43 -24.72 26.23
N ASN A 111 0.51 -19.85 8.80
CA ASN A 111 0.48 -20.07 7.36
C ASN A 111 -0.83 -19.56 6.74
N VAL A 112 -1.94 -20.04 7.27
CA VAL A 112 -3.26 -19.61 6.81
C VAL A 112 -3.81 -18.48 7.66
N GLN A 113 -3.62 -18.56 8.97
CA GLN A 113 -4.08 -17.49 9.86
C GLN A 113 -3.30 -16.20 9.64
N VAL A 114 -2.06 -16.29 9.16
CA VAL A 114 -1.33 -15.08 8.80
C VAL A 114 -2.02 -14.37 7.64
N GLY A 115 -2.40 -15.14 6.61
CA GLY A 115 -3.16 -14.55 5.51
C GLY A 115 -4.50 -14.03 5.97
N LEU A 116 -5.12 -14.71 6.93
CA LEU A 116 -6.40 -14.22 7.46
C LEU A 116 -6.20 -12.89 8.18
N LEU A 117 -5.12 -12.75 8.94
CA LEU A 117 -4.81 -11.48 9.60
C LEU A 117 -4.64 -10.36 8.57
N PHE A 118 -3.87 -10.64 7.52
CA PHE A 118 -3.62 -9.62 6.51
C PHE A 118 -4.90 -9.24 5.77
N ALA A 119 -5.72 -10.24 5.46
CA ALA A 119 -7.01 -9.98 4.83
C ALA A 119 -7.90 -9.16 5.74
N SER A 120 -7.87 -9.43 7.05
CA SER A 120 -8.65 -8.64 7.99
C SER A 120 -8.23 -7.19 7.98
N LYS A 121 -6.91 -6.94 8.08
CA LYS A 121 -6.43 -5.56 8.09
C LYS A 121 -6.80 -4.85 6.79
N ALA A 122 -6.55 -5.49 5.65
CA ALA A 122 -6.82 -4.85 4.37
C ALA A 122 -8.30 -4.64 4.14
N THR A 123 -9.15 -5.58 4.58
CA THR A 123 -10.58 -5.43 4.41
C THR A 123 -11.12 -4.30 5.27
N VAL A 124 -10.66 -4.21 6.52
CA VAL A 124 -11.13 -3.13 7.40
C VAL A 124 -10.67 -1.79 6.84
N GLN A 125 -9.47 -1.74 6.27
CA GLN A 125 -9.04 -0.51 5.59
C GLN A 125 -9.93 -0.21 4.39
N LEU A 126 -10.29 -1.24 3.64
CA LEU A 126 -11.12 -1.05 2.44
C LEU A 126 -12.49 -0.50 2.80
N ILE A 127 -13.10 -1.01 3.87
CA ILE A 127 -14.43 -0.54 4.26
C ILE A 127 -14.37 0.89 4.76
N THR A 128 -13.29 1.25 5.47
CA THR A 128 -13.21 2.55 6.11
C THR A 128 -12.96 3.67 5.10
N ASN A 129 -12.33 3.35 3.98
CA ASN A 129 -11.88 4.36 3.03
C ASN A 129 -12.99 5.30 2.54
N PRO A 130 -14.16 4.81 2.09
CA PRO A 130 -15.21 5.75 1.67
C PRO A 130 -15.67 6.65 2.79
N PHE A 131 -15.75 6.09 4.01
CA PHE A 131 -16.19 6.87 5.15
C PHE A 131 -15.20 7.98 5.48
N ILE A 132 -13.91 7.67 5.45
CA ILE A 132 -12.90 8.70 5.73
C ILE A 132 -12.88 9.74 4.61
N GLY A 133 -13.08 9.29 3.37
CA GLY A 133 -13.14 10.23 2.26
C GLY A 133 -14.29 11.22 2.41
N LEU A 134 -15.45 10.73 2.83
CA LEU A 134 -16.58 11.64 3.08
C LEU A 134 -16.35 12.49 4.32
N LEU A 135 -15.66 11.95 5.32
CA LEU A 135 -15.45 12.68 6.57
C LEU A 135 -14.48 13.84 6.39
N THR A 136 -13.46 13.66 5.54
CA THR A 136 -12.48 14.72 5.33
C THR A 136 -13.13 15.97 4.77
N ASN A 137 -14.25 15.83 4.07
CA ASN A 137 -14.95 16.98 3.53
C ASN A 137 -15.73 17.74 4.61
N ARG A 138 -16.01 17.11 5.74
CA ARG A 138 -16.79 17.72 6.80
C ARG A 138 -15.95 18.30 7.92
N ILE A 139 -14.91 17.58 8.36
CA ILE A 139 -14.08 18.03 9.46
C ILE A 139 -12.67 18.40 9.03
N GLY A 140 -12.36 18.34 7.75
CA GLY A 140 -11.02 18.63 7.28
C GLY A 140 -10.12 17.41 7.34
N TYR A 141 -8.88 17.63 6.93
CA TYR A 141 -7.83 16.62 6.93
C TYR A 141 -7.10 16.44 8.26
N PRO A 142 -6.71 17.52 8.96
CA PRO A 142 -5.84 17.34 10.15
C PRO A 142 -6.42 16.44 11.22
N ILE A 143 -7.71 16.53 11.49
CA ILE A 143 -8.33 15.70 12.53
C ILE A 143 -8.28 14.23 12.12
N PRO A 144 -8.66 13.86 10.89
CA PRO A 144 -8.45 12.46 10.48
C PRO A 144 -6.99 12.02 10.54
N ILE A 145 -6.04 12.88 10.20
CA ILE A 145 -4.63 12.48 10.29
C ILE A 145 -4.25 12.18 11.75
N PHE A 146 -4.65 13.05 12.67
CA PHE A 146 -4.33 12.85 14.07
C PHE A 146 -5.04 11.62 14.62
N ALA A 147 -6.28 11.38 14.19
CA ALA A 147 -6.99 10.18 14.61
C ALA A 147 -6.29 8.92 14.10
N GLY A 148 -5.81 8.97 12.86
CA GLY A 148 -5.01 7.86 12.35
C GLY A 148 -3.78 7.61 13.19
N PHE A 149 -3.10 8.69 13.59
CA PHE A 149 -1.94 8.54 14.47
C PHE A 149 -2.33 7.91 15.79
N CYS A 150 -3.44 8.35 16.38
CA CYS A 150 -3.85 7.82 17.69
C CYS A 150 -4.20 6.34 17.61
N ILE A 151 -4.98 5.95 16.59
CA ILE A 151 -5.33 4.54 16.44
C ILE A 151 -4.09 3.71 16.13
N MET A 152 -3.16 4.26 15.34
CA MET A 152 -1.94 3.53 15.02
C MET A 152 -1.09 3.32 16.26
N PHE A 153 -1.01 4.33 17.13
CA PHE A 153 -0.34 4.18 18.42
C PHE A 153 -1.00 3.11 19.27
N VAL A 154 -2.34 3.13 19.34
CA VAL A 154 -3.04 2.14 20.17
C VAL A 154 -2.80 0.73 19.64
N SER A 155 -2.85 0.56 18.31
CA SER A 155 -2.60 -0.75 17.73
C SER A 155 -1.17 -1.21 17.98
N THR A 156 -0.22 -0.28 17.94
CA THR A 156 1.17 -0.64 18.25
C THR A 156 1.30 -1.11 19.69
N ILE A 157 0.67 -0.40 20.62
CA ILE A 157 0.72 -0.81 22.03
C ILE A 157 0.09 -2.19 22.21
N MET A 158 -1.07 -2.42 21.60
CA MET A 158 -1.73 -3.70 21.75
C MET A 158 -0.92 -4.82 21.11
N PHE A 159 -0.29 -4.56 19.96
CA PHE A 159 0.63 -5.52 19.38
C PHE A 159 1.76 -5.84 20.36
N ALA A 160 2.26 -4.82 21.05
CA ALA A 160 3.34 -5.03 22.00
C ALA A 160 2.90 -5.91 23.16
N PHE A 161 1.67 -5.74 23.65
CA PHE A 161 1.27 -6.38 24.88
C PHE A 161 0.31 -7.56 24.74
N SER A 162 -0.43 -7.64 23.64
CA SER A 162 -1.36 -8.75 23.45
C SER A 162 -0.63 -10.02 23.05
N SER A 163 -1.11 -11.15 23.54
CA SER A 163 -0.52 -12.44 23.24
C SER A 163 -1.51 -13.47 22.71
N SER A 164 -2.79 -13.13 22.62
CA SER A 164 -3.82 -14.05 22.16
C SER A 164 -4.11 -13.79 20.68
N TYR A 165 -5.14 -14.47 20.16
CA TYR A 165 -5.49 -14.30 18.76
C TYR A 165 -6.59 -13.27 18.55
N ALA A 166 -7.61 -13.24 19.41
CA ALA A 166 -8.68 -12.26 19.25
C ALA A 166 -8.15 -10.84 19.43
N PHE A 167 -7.29 -10.63 20.43
CA PHE A 167 -6.71 -9.30 20.64
C PHE A 167 -5.83 -8.90 19.46
N LEU A 168 -5.10 -9.86 18.89
CA LEU A 168 -4.26 -9.55 17.74
C LEU A 168 -5.10 -9.23 16.51
N LEU A 169 -6.23 -9.92 16.35
CA LEU A 169 -7.17 -9.59 15.27
C LEU A 169 -7.73 -8.18 15.45
N ILE A 170 -8.08 -7.83 16.68
CA ILE A 170 -8.58 -6.48 16.96
C ILE A 170 -7.50 -5.46 16.66
N ALA A 171 -6.25 -5.78 17.00
CA ALA A 171 -5.13 -4.89 16.70
C ALA A 171 -4.96 -4.70 15.20
N ARG A 172 -5.10 -5.79 14.44
CA ARG A 172 -5.01 -5.68 12.98
C ARG A 172 -6.14 -4.82 12.42
N SER A 173 -7.35 -4.98 12.94
CA SER A 173 -8.46 -4.16 12.46
C SER A 173 -8.25 -2.69 12.78
N LEU A 174 -7.77 -2.40 14.00
CA LEU A 174 -7.49 -1.01 14.36
C LEU A 174 -6.39 -0.44 13.48
N GLN A 175 -5.35 -1.24 13.20
CA GLN A 175 -4.31 -0.80 12.29
C GLN A 175 -4.86 -0.55 10.90
N GLY A 176 -5.84 -1.33 10.47
CA GLY A 176 -6.47 -1.06 9.19
C GLY A 176 -7.24 0.26 9.17
N ILE A 177 -7.96 0.54 10.25
CA ILE A 177 -8.66 1.83 10.34
C ILE A 177 -7.65 2.97 10.30
N GLY A 178 -6.56 2.85 11.06
CA GLY A 178 -5.53 3.86 11.05
C GLY A 178 -4.85 4.00 9.70
N SER A 179 -4.66 2.88 9.00
CA SER A 179 -4.10 2.91 7.66
C SER A 179 -5.00 3.70 6.72
N SER A 180 -6.31 3.42 6.77
CA SER A 180 -7.25 4.15 5.95
C SER A 180 -7.19 5.64 6.25
N CYS A 181 -7.26 6.00 7.54
CA CYS A 181 -7.23 7.41 7.91
C CYS A 181 -5.96 8.08 7.41
N SER A 182 -4.80 7.51 7.74
CA SER A 182 -3.53 8.13 7.38
C SER A 182 -3.39 8.25 5.87
N SER A 183 -3.60 7.15 5.15
CA SER A 183 -3.39 7.17 3.70
C SER A 183 -4.33 8.14 3.02
N VAL A 184 -5.65 8.03 3.27
CA VAL A 184 -6.61 8.85 2.57
C VAL A 184 -6.42 10.32 2.92
N ALA A 185 -6.34 10.63 4.22
CA ALA A 185 -6.23 12.03 4.63
C ALA A 185 -4.91 12.63 4.19
N GLY A 186 -3.81 11.87 4.26
CA GLY A 186 -2.53 12.39 3.82
C GLY A 186 -2.47 12.65 2.33
N MET A 187 -3.00 11.73 1.53
CA MET A 187 -3.04 11.97 0.09
C MET A 187 -3.94 13.16 -0.24
N GLY A 188 -5.07 13.28 0.43
CA GLY A 188 -5.93 14.43 0.21
C GLY A 188 -5.26 15.74 0.58
N MET A 189 -4.56 15.76 1.72
CA MET A 189 -3.86 16.97 2.14
C MET A 189 -2.72 17.31 1.20
N LEU A 190 -1.99 16.30 0.72
CA LEU A 190 -0.92 16.55 -0.24
C LEU A 190 -1.47 17.11 -1.53
N ALA A 191 -2.60 16.58 -2.00
CA ALA A 191 -3.22 17.11 -3.22
C ALA A 191 -3.74 18.52 -3.00
N SER A 192 -4.30 18.81 -1.83
CA SER A 192 -4.87 20.13 -1.58
C SER A 192 -3.79 21.18 -1.35
N VAL A 193 -2.62 20.77 -0.87
CA VAL A 193 -1.54 21.71 -0.59
C VAL A 193 -0.68 21.93 -1.83
N TYR A 194 -0.29 20.87 -2.51
CA TYR A 194 0.51 20.97 -3.73
C TYR A 194 -0.46 20.96 -4.93
N THR A 195 -0.98 22.15 -5.24
CA THR A 195 -1.96 22.28 -6.31
C THR A 195 -1.33 22.19 -7.70
N ASP A 196 -0.02 22.40 -7.81
CA ASP A 196 0.65 22.26 -9.09
C ASP A 196 0.65 20.80 -9.53
N ASP A 197 0.42 20.56 -10.82
CA ASP A 197 0.32 19.20 -11.32
C ASP A 197 1.66 18.46 -11.24
N GLU A 198 2.76 19.19 -11.34
CA GLU A 198 4.08 18.56 -11.29
C GLU A 198 4.56 18.37 -9.85
N GLU A 199 4.40 19.40 -9.01
CA GLU A 199 4.78 19.27 -7.61
C GLU A 199 3.93 18.22 -6.90
N ARG A 200 2.65 18.11 -7.28
CA ARG A 200 1.81 17.06 -6.72
C ARG A 200 2.37 15.68 -7.03
N GLY A 201 2.73 15.46 -8.29
CA GLY A 201 3.32 14.18 -8.65
C GLY A 201 4.61 13.91 -7.89
N ASN A 202 5.46 14.93 -7.76
CA ASN A 202 6.72 14.75 -7.05
C ASN A 202 6.49 14.39 -5.58
N VAL A 203 5.58 15.11 -4.92
CA VAL A 203 5.40 14.91 -3.48
C VAL A 203 4.72 13.57 -3.19
N MET A 204 3.73 13.17 -4.01
CA MET A 204 3.15 11.86 -3.75
C MET A 204 4.07 10.72 -4.20
N GLY A 205 4.97 10.97 -5.16
CA GLY A 205 6.03 10.01 -5.40
C GLY A 205 6.91 9.83 -4.19
N ILE A 206 7.25 10.93 -3.51
CA ILE A 206 8.04 10.83 -2.28
C ILE A 206 7.26 10.10 -1.20
N ALA A 207 5.95 10.36 -1.09
CA ALA A 207 5.13 9.70 -0.08
C ALA A 207 5.06 8.19 -0.32
N LEU A 208 4.84 7.79 -1.57
CA LEU A 208 4.84 6.37 -1.90
C LEU A 208 6.22 5.76 -1.70
N GLY A 209 7.28 6.54 -1.93
CA GLY A 209 8.62 6.06 -1.62
C GLY A 209 8.80 5.83 -0.13
N GLY A 210 8.19 6.68 0.69
CA GLY A 210 8.21 6.44 2.12
C GLY A 210 7.45 5.19 2.52
N LEU A 211 6.30 4.95 1.88
CA LEU A 211 5.58 3.70 2.07
C LEU A 211 6.49 2.50 1.77
N ALA A 212 7.15 2.53 0.61
CA ALA A 212 8.03 1.44 0.21
C ALA A 212 9.22 1.31 1.15
N MET A 213 9.75 2.44 1.62
CA MET A 213 10.86 2.42 2.55
C MET A 213 10.48 1.74 3.85
N GLY A 214 9.29 2.07 4.37
CA GLY A 214 8.81 1.39 5.56
C GLY A 214 8.62 -0.10 5.34
N VAL A 215 8.07 -0.47 4.17
CA VAL A 215 7.92 -1.89 3.85
C VAL A 215 9.27 -2.59 3.85
N LEU A 216 10.28 -1.97 3.24
CA LEU A 216 11.60 -2.60 3.15
C LEU A 216 12.29 -2.67 4.51
N VAL A 217 12.09 -1.67 5.36
CA VAL A 217 12.79 -1.62 6.64
C VAL A 217 12.14 -2.51 7.70
N GLY A 218 10.82 -2.73 7.62
CA GLY A 218 10.10 -3.47 8.63
C GLY A 218 10.74 -4.75 9.13
N PRO A 219 10.88 -5.74 8.27
CA PRO A 219 11.35 -7.07 8.72
C PRO A 219 12.78 -7.06 9.26
N PRO A 220 13.75 -6.42 8.59
CA PRO A 220 15.10 -6.40 9.19
C PRO A 220 15.13 -5.69 10.53
N PHE A 221 14.39 -4.59 10.65
CA PHE A 221 14.31 -3.85 11.91
C PHE A 221 13.75 -4.74 13.01
N GLY A 222 12.67 -5.46 12.70
CA GLY A 222 12.07 -6.34 13.69
C GLY A 222 12.99 -7.48 14.10
N SER A 223 13.65 -8.11 13.13
CA SER A 223 14.55 -9.21 13.46
C SER A 223 15.71 -8.73 14.32
N VAL A 224 16.29 -7.57 13.96
CA VAL A 224 17.40 -7.04 14.73
C VAL A 224 16.98 -6.73 16.17
N LEU A 225 15.82 -6.08 16.33
CA LEU A 225 15.41 -5.73 17.69
C LEU A 225 15.00 -6.97 18.48
N TYR A 226 14.43 -7.97 17.82
CA TYR A 226 14.05 -9.20 18.52
C TYR A 226 15.29 -9.92 19.03
N GLU A 227 16.32 -10.04 18.20
CA GLU A 227 17.53 -10.73 18.64
C GLU A 227 18.28 -9.90 19.69
N PHE A 228 18.26 -8.58 19.56
CA PHE A 228 19.06 -7.74 20.44
C PHE A 228 18.41 -7.60 21.82
N VAL A 229 17.19 -7.08 21.87
CA VAL A 229 16.58 -6.72 23.15
C VAL A 229 15.51 -7.72 23.56
N GLY A 230 14.42 -7.79 22.78
CA GLY A 230 13.32 -8.67 23.17
C GLY A 230 12.22 -8.63 22.14
N LYS A 231 11.22 -9.49 22.38
CA LYS A 231 10.08 -9.57 21.47
C LYS A 231 9.27 -8.29 21.46
N THR A 232 9.10 -7.66 22.61
CA THR A 232 8.30 -6.45 22.70
C THR A 232 9.06 -5.22 22.21
N ALA A 233 10.38 -5.34 22.07
CA ALA A 233 11.21 -4.18 21.68
C ALA A 233 10.81 -3.57 20.35
N PRO A 234 10.59 -4.32 19.26
CA PRO A 234 10.21 -3.66 18.00
C PRO A 234 8.95 -2.82 18.12
N PHE A 235 7.92 -3.33 18.79
CA PHE A 235 6.68 -2.58 18.93
C PHE A 235 6.85 -1.38 19.85
N LEU A 236 7.64 -1.52 20.93
CA LEU A 236 7.86 -0.37 21.81
C LEU A 236 8.63 0.74 21.09
N VAL A 237 9.66 0.38 20.33
CA VAL A 237 10.40 1.39 19.57
C VAL A 237 9.53 2.02 18.50
N LEU A 238 8.69 1.21 17.84
CA LEU A 238 7.75 1.76 16.87
C LEU A 238 6.77 2.71 17.55
N ALA A 239 6.33 2.39 18.76
CA ALA A 239 5.42 3.26 19.49
C ALA A 239 6.09 4.57 19.87
N ALA A 240 7.38 4.52 20.24
CA ALA A 240 8.12 5.74 20.51
C ALA A 240 8.21 6.62 19.27
N LEU A 241 8.50 6.00 18.12
CA LEU A 241 8.52 6.76 16.88
C LEU A 241 7.15 7.32 16.55
N VAL A 242 6.09 6.57 16.86
CA VAL A 242 4.73 7.02 16.63
C VAL A 242 4.42 8.22 17.51
N LEU A 243 4.86 8.20 18.77
CA LEU A 243 4.69 9.35 19.65
C LEU A 243 5.43 10.57 19.11
N LEU A 244 6.65 10.38 18.59
CA LEU A 244 7.36 11.51 18.00
C LEU A 244 6.60 12.07 16.80
N ASP A 245 6.09 11.20 15.94
CA ASP A 245 5.30 11.65 14.80
C ASP A 245 4.04 12.39 15.26
N GLY A 246 3.39 11.88 16.30
CA GLY A 246 2.19 12.53 16.80
C GLY A 246 2.49 13.88 17.41
N ALA A 247 3.61 14.01 18.11
CA ALA A 247 4.02 15.31 18.63
C ALA A 247 4.26 16.30 17.49
N ILE A 248 4.92 15.84 16.42
CA ILE A 248 5.12 16.69 15.25
C ILE A 248 3.78 17.10 14.64
N GLN A 249 2.84 16.16 14.56
CA GLN A 249 1.52 16.45 14.01
C GLN A 249 0.80 17.50 14.86
N LEU A 250 0.84 17.33 16.18
CA LEU A 250 0.18 18.28 17.06
C LEU A 250 0.81 19.67 16.95
N PHE A 251 2.13 19.72 16.80
CA PHE A 251 2.80 21.02 16.68
C PHE A 251 2.48 21.68 15.34
N VAL A 252 2.38 20.90 14.26
CA VAL A 252 2.21 21.45 12.93
C VAL A 252 0.73 21.50 12.54
N LEU A 253 0.09 20.32 12.48
CA LEU A 253 -1.29 20.26 12.03
C LEU A 253 -2.23 21.02 12.95
N GLN A 254 -2.01 20.90 14.26
CA GLN A 254 -2.82 21.54 15.29
C GLN A 254 -4.30 21.23 15.10
N PRO A 255 -4.73 19.98 15.32
CA PRO A 255 -6.15 19.64 15.17
C PRO A 255 -6.98 20.08 16.37
N SER A 256 -7.00 21.39 16.61
CA SER A 256 -7.74 21.93 17.75
C SER A 256 -9.23 21.96 17.50
N ARG A 257 -9.64 22.48 16.35
CA ARG A 257 -11.05 22.68 16.02
C ARG A 257 -11.39 21.95 14.72
N VAL A 258 -12.65 22.08 14.32
CA VAL A 258 -13.17 21.46 13.11
C VAL A 258 -13.22 22.52 12.02
N GLN A 259 -12.60 22.23 10.88
CA GLN A 259 -12.57 23.17 9.75
C GLN A 259 -13.21 22.52 8.53
N PRO A 260 -14.51 22.73 8.30
CA PRO A 260 -15.14 22.16 7.11
C PRO A 260 -14.60 22.78 5.83
N GLU A 261 -14.63 22.00 4.76
CA GLU A 261 -14.17 22.48 3.47
C GLU A 261 -15.16 23.49 2.89
N SER A 262 -14.66 24.35 2.02
CA SER A 262 -15.48 25.42 1.48
C SER A 262 -16.59 24.88 0.59
N GLN A 263 -16.27 23.94 -0.29
CA GLN A 263 -17.22 23.42 -1.26
C GLN A 263 -17.57 21.98 -0.94
N LYS A 264 -18.84 21.64 -1.10
CA LYS A 264 -19.28 20.27 -0.88
C LYS A 264 -18.67 19.36 -1.95
N GLY A 265 -18.16 18.21 -1.52
CA GLY A 265 -17.53 17.30 -2.44
C GLY A 265 -18.54 16.62 -3.35
N THR A 266 -18.07 16.29 -4.55
CA THR A 266 -18.90 15.53 -5.48
C THR A 266 -19.09 14.12 -4.96
N PRO A 267 -20.32 13.59 -4.95
CA PRO A 267 -20.54 12.25 -4.37
C PRO A 267 -19.78 11.17 -5.13
N LEU A 268 -19.45 10.09 -4.41
CA LEU A 268 -18.75 8.97 -5.04
C LEU A 268 -19.55 8.38 -6.19
N THR A 269 -20.89 8.42 -6.11
CA THR A 269 -21.70 7.85 -7.18
C THR A 269 -21.41 8.53 -8.51
N THR A 270 -21.09 9.82 -8.49
CA THR A 270 -20.64 10.50 -9.71
C THR A 270 -19.19 10.15 -10.04
N LEU A 271 -18.35 9.94 -9.03
CA LEU A 271 -16.95 9.64 -9.28
C LEU A 271 -16.77 8.25 -9.89
N LEU A 272 -17.50 7.26 -9.37
CA LEU A 272 -17.42 5.92 -9.96
C LEU A 272 -18.05 5.85 -11.35
N LYS A 273 -18.85 6.84 -11.73
CA LYS A 273 -19.39 6.91 -13.08
C LYS A 273 -18.42 7.50 -14.08
N ASP A 274 -17.28 8.01 -13.64
CA ASP A 274 -16.28 8.53 -14.55
C ASP A 274 -15.46 7.38 -15.11
N PRO A 275 -15.45 7.15 -16.43
CA PRO A 275 -14.63 6.06 -16.98
C PRO A 275 -13.14 6.23 -16.74
N TYR A 276 -12.64 7.46 -16.71
CA TYR A 276 -11.19 7.66 -16.54
C TYR A 276 -10.75 7.36 -15.11
N ILE A 277 -11.53 7.80 -14.13
CA ILE A 277 -11.23 7.47 -12.74
C ILE A 277 -11.29 5.97 -12.54
N LEU A 278 -12.28 5.31 -13.14
CA LEU A 278 -12.38 3.86 -13.07
C LEU A 278 -11.17 3.20 -13.71
N ILE A 279 -10.70 3.73 -14.84
CA ILE A 279 -9.55 3.14 -15.52
C ILE A 279 -8.30 3.25 -14.65
N ALA A 280 -8.07 4.43 -14.07
CA ALA A 280 -6.91 4.61 -13.20
C ALA A 280 -6.99 3.70 -11.98
N ALA A 281 -8.16 3.62 -11.35
CA ALA A 281 -8.33 2.76 -10.19
C ALA A 281 -8.11 1.31 -10.56
N GLY A 282 -8.60 0.88 -11.72
CA GLY A 282 -8.41 -0.49 -12.15
C GLY A 282 -6.95 -0.80 -12.44
N SER A 283 -6.24 0.15 -13.05
CA SER A 283 -4.81 -0.04 -13.26
C SER A 283 -4.08 -0.25 -11.94
N ILE A 284 -4.36 0.62 -10.96
CA ILE A 284 -3.74 0.46 -9.65
C ILE A 284 -4.12 -0.89 -9.04
N CYS A 285 -5.40 -1.25 -9.14
CA CYS A 285 -5.89 -2.47 -8.52
C CYS A 285 -5.20 -3.70 -9.11
N PHE A 286 -5.08 -3.78 -10.42
CA PHE A 286 -4.46 -4.95 -11.03
C PHE A 286 -2.96 -4.97 -10.80
N ALA A 287 -2.30 -3.82 -10.88
CA ALA A 287 -0.87 -3.76 -10.63
C ALA A 287 -0.55 -4.23 -9.21
N ASN A 288 -1.34 -3.82 -8.23
CA ASN A 288 -1.12 -4.30 -6.88
C ASN A 288 -1.59 -5.73 -6.68
N MET A 289 -2.61 -6.17 -7.44
CA MET A 289 -3.08 -7.55 -7.34
C MET A 289 -1.99 -8.53 -7.76
N GLY A 290 -1.18 -8.14 -8.74
CA GLY A 290 -0.03 -8.95 -9.11
C GLY A 290 0.80 -9.39 -7.91
N ILE A 291 1.36 -8.42 -7.19
CA ILE A 291 2.17 -8.75 -6.02
C ILE A 291 1.31 -9.31 -4.89
N ALA A 292 0.04 -8.92 -4.81
CA ALA A 292 -0.82 -9.39 -3.74
C ALA A 292 -1.01 -10.91 -3.80
N MET A 293 -1.22 -11.45 -5.01
CA MET A 293 -1.25 -12.89 -5.16
C MET A 293 0.15 -13.50 -5.30
N LEU A 294 1.17 -12.68 -5.56
CA LEU A 294 2.54 -13.19 -5.49
C LEU A 294 2.91 -13.59 -4.06
N GLU A 295 2.55 -12.78 -3.08
CA GLU A 295 3.08 -12.96 -1.73
C GLU A 295 2.76 -14.32 -1.12
N PRO A 296 1.52 -14.80 -1.07
CA PRO A 296 1.24 -16.05 -0.36
C PRO A 296 1.42 -17.32 -1.20
N ALA A 297 1.44 -17.22 -2.52
CA ALA A 297 1.53 -18.40 -3.37
C ALA A 297 2.95 -18.72 -3.78
N LEU A 298 3.83 -17.72 -3.84
CA LEU A 298 5.21 -17.96 -4.26
C LEU A 298 5.97 -18.90 -3.33
N PRO A 299 5.95 -18.74 -1.99
CA PRO A 299 6.72 -19.65 -1.15
C PRO A 299 6.34 -21.12 -1.30
N ILE A 300 5.05 -21.43 -1.47
CA ILE A 300 4.63 -22.81 -1.60
C ILE A 300 5.19 -23.41 -2.89
N TRP A 301 5.09 -22.67 -3.99
CA TRP A 301 5.63 -23.16 -5.25
C TRP A 301 7.15 -23.30 -5.19
N MET A 302 7.81 -22.37 -4.51
CA MET A 302 9.26 -22.47 -4.31
C MET A 302 9.61 -23.76 -3.58
N MET A 303 8.96 -24.02 -2.45
CA MET A 303 9.24 -25.22 -1.70
C MET A 303 8.91 -26.48 -2.49
N GLU A 304 7.87 -26.43 -3.33
CA GLU A 304 7.49 -27.60 -4.09
C GLU A 304 8.52 -27.92 -5.17
N THR A 305 8.92 -26.92 -5.95
CA THR A 305 9.76 -27.21 -7.11
C THR A 305 11.25 -27.06 -6.85
N MET A 306 11.69 -25.95 -6.25
CA MET A 306 13.11 -25.72 -6.05
C MET A 306 13.63 -26.20 -4.70
N CYS A 307 12.74 -26.70 -3.82
CA CYS A 307 13.10 -27.12 -2.47
C CYS A 307 13.96 -26.09 -1.75
N SER A 308 13.71 -24.81 -2.03
CA SER A 308 14.52 -23.73 -1.50
C SER A 308 14.34 -23.62 0.02
N ARG A 309 15.29 -22.93 0.64
CA ARG A 309 15.32 -22.78 2.08
C ARG A 309 14.59 -21.50 2.51
N LYS A 310 14.41 -21.35 3.82
CA LYS A 310 13.63 -20.23 4.35
C LYS A 310 14.31 -18.90 4.06
N TRP A 311 15.63 -18.83 4.23
CA TRP A 311 16.35 -17.59 3.96
C TRP A 311 16.23 -17.22 2.49
N GLN A 312 16.22 -18.23 1.62
CA GLN A 312 16.01 -17.96 0.19
C GLN A 312 14.63 -17.40 -0.05
N LEU A 313 13.61 -17.92 0.66
CA LEU A 313 12.27 -17.39 0.55
C LEU A 313 12.21 -15.93 0.97
N GLY A 314 12.88 -15.59 2.09
CA GLY A 314 12.91 -14.21 2.52
C GLY A 314 13.63 -13.30 1.55
N VAL A 315 14.73 -13.78 0.98
CA VAL A 315 15.50 -12.97 0.03
C VAL A 315 14.71 -12.74 -1.24
N ALA A 316 13.88 -13.71 -1.63
CA ALA A 316 13.17 -13.65 -2.90
C ALA A 316 12.43 -12.34 -3.14
N PHE A 317 11.78 -11.81 -2.11
CA PHE A 317 11.00 -10.58 -2.24
C PHE A 317 11.83 -9.32 -2.02
N LEU A 318 13.11 -9.45 -1.66
CA LEU A 318 13.95 -8.27 -1.51
C LEU A 318 14.10 -7.48 -2.82
N PRO A 319 14.38 -8.10 -3.97
CA PRO A 319 14.43 -7.30 -5.21
C PRO A 319 13.14 -6.58 -5.50
N ALA A 320 11.99 -7.19 -5.20
CA ALA A 320 10.71 -6.54 -5.45
C ALA A 320 10.59 -5.27 -4.61
N SER A 321 10.94 -5.35 -3.32
CA SER A 321 10.84 -4.19 -2.45
C SER A 321 11.80 -3.09 -2.87
N ILE A 322 13.05 -3.47 -3.19
CA ILE A 322 14.04 -2.47 -3.59
C ILE A 322 13.62 -1.77 -4.88
N SER A 323 13.17 -2.56 -5.86
CA SER A 323 12.75 -1.98 -7.13
C SER A 323 11.51 -1.13 -6.95
N TYR A 324 10.59 -1.52 -6.07
CA TYR A 324 9.42 -0.70 -5.79
C TYR A 324 9.83 0.65 -5.21
N LEU A 325 10.78 0.63 -4.27
CA LEU A 325 11.22 1.89 -3.65
C LEU A 325 11.85 2.80 -4.69
N ILE A 326 12.78 2.25 -5.49
CA ILE A 326 13.44 3.05 -6.51
C ILE A 326 12.44 3.57 -7.53
N GLY A 327 11.53 2.69 -7.97
CA GLY A 327 10.55 3.08 -8.97
C GLY A 327 9.65 4.20 -8.50
N THR A 328 9.13 4.08 -7.27
CA THR A 328 8.31 5.16 -6.74
C THR A 328 9.10 6.46 -6.69
N ASN A 329 10.30 6.42 -6.13
CA ASN A 329 11.07 7.66 -5.93
C ASN A 329 11.40 8.34 -7.24
N ILE A 330 11.81 7.58 -8.26
CA ILE A 330 12.24 8.22 -9.50
C ILE A 330 11.07 8.51 -10.42
N PHE A 331 10.03 7.68 -10.42
CA PHE A 331 8.94 7.92 -11.36
C PHE A 331 7.93 8.93 -10.84
N GLY A 332 7.91 9.22 -9.53
CA GLY A 332 7.15 10.37 -9.08
C GLY A 332 7.56 11.64 -9.80
N ILE A 333 8.82 11.71 -10.22
CA ILE A 333 9.33 12.84 -11.00
C ILE A 333 9.26 12.55 -12.50
N LEU A 334 9.62 11.33 -12.91
CA LEU A 334 9.72 11.02 -14.33
C LEU A 334 8.38 10.84 -15.02
N ALA A 335 7.28 10.65 -14.28
CA ALA A 335 6.00 10.41 -14.92
C ALA A 335 5.54 11.62 -15.71
N HIS A 336 5.72 12.82 -15.16
CA HIS A 336 5.30 14.02 -15.86
C HIS A 336 6.18 14.32 -17.08
N LYS A 337 7.38 13.77 -17.13
CA LYS A 337 8.25 13.95 -18.28
C LYS A 337 7.94 12.93 -19.38
N MET A 338 7.87 11.65 -19.03
CA MET A 338 7.56 10.63 -20.02
C MET A 338 6.10 10.68 -20.44
N GLY A 339 5.22 11.11 -19.55
CA GLY A 339 3.80 11.07 -19.81
C GLY A 339 3.13 10.08 -18.87
N ARG A 340 2.17 10.55 -18.08
CA ARG A 340 1.56 9.70 -17.06
C ARG A 340 0.85 8.51 -17.70
N TRP A 341 0.13 8.74 -18.79
CA TRP A 341 -0.52 7.64 -19.49
C TRP A 341 0.50 6.65 -20.02
N LEU A 342 1.59 7.15 -20.61
CA LEU A 342 2.61 6.27 -21.15
C LEU A 342 3.34 5.53 -20.05
N CYS A 343 3.60 6.21 -18.92
CA CYS A 343 4.25 5.54 -17.80
C CYS A 343 3.37 4.42 -17.26
N ALA A 344 2.06 4.67 -17.14
CA ALA A 344 1.16 3.62 -16.66
C ALA A 344 1.07 2.47 -17.65
N LEU A 345 1.00 2.76 -18.94
CA LEU A 345 0.93 1.70 -19.94
C LEU A 345 2.18 0.85 -19.92
N LEU A 346 3.35 1.48 -19.86
CA LEU A 346 4.60 0.74 -19.81
C LEU A 346 4.71 -0.07 -18.52
N GLY A 347 4.25 0.50 -17.40
CA GLY A 347 4.27 -0.24 -16.16
C GLY A 347 3.38 -1.47 -16.19
N MET A 348 2.18 -1.33 -16.76
CA MET A 348 1.29 -2.48 -16.86
C MET A 348 1.88 -3.55 -17.77
N ILE A 349 2.46 -3.14 -18.90
CA ILE A 349 3.09 -4.11 -19.79
C ILE A 349 4.24 -4.82 -19.09
N ILE A 350 5.07 -4.06 -18.38
CA ILE A 350 6.25 -4.64 -17.73
C ILE A 350 5.84 -5.60 -16.62
N VAL A 351 4.84 -5.23 -15.82
CA VAL A 351 4.41 -6.12 -14.75
C VAL A 351 3.77 -7.38 -15.32
N GLY A 352 3.01 -7.24 -16.41
CA GLY A 352 2.45 -8.42 -17.06
C GLY A 352 3.53 -9.35 -17.58
N VAL A 353 4.55 -8.78 -18.23
CA VAL A 353 5.63 -9.60 -18.78
C VAL A 353 6.42 -10.27 -17.65
N SER A 354 6.68 -9.54 -16.57
CA SER A 354 7.43 -10.13 -15.46
C SER A 354 6.65 -11.25 -14.79
N ILE A 355 5.34 -11.05 -14.59
CA ILE A 355 4.53 -12.12 -13.99
C ILE A 355 4.45 -13.32 -14.94
N LEU A 356 4.41 -13.07 -16.25
CA LEU A 356 4.44 -14.16 -17.21
C LEU A 356 5.76 -14.92 -17.13
N CYS A 357 6.87 -14.22 -16.92
CA CYS A 357 8.18 -14.86 -16.90
C CYS A 357 8.49 -15.52 -15.56
N ILE A 358 7.77 -15.17 -14.49
CA ILE A 358 8.04 -15.76 -13.17
C ILE A 358 7.97 -17.27 -13.18
N PRO A 359 6.91 -17.92 -13.69
CA PRO A 359 6.82 -19.38 -13.57
C PRO A 359 7.91 -20.15 -14.30
N PHE A 360 8.57 -19.56 -15.29
CA PHE A 360 9.59 -20.28 -16.03
C PHE A 360 10.92 -20.36 -15.30
N ALA A 361 11.09 -19.63 -14.20
CA ALA A 361 12.35 -19.64 -13.49
C ALA A 361 12.58 -20.97 -12.80
N LYS A 362 13.84 -21.38 -12.76
CA LYS A 362 14.24 -22.63 -12.12
C LYS A 362 14.97 -22.44 -10.81
N ASN A 363 15.60 -21.30 -10.61
CA ASN A 363 16.30 -20.98 -9.38
C ASN A 363 15.93 -19.57 -8.93
N ILE A 364 16.35 -19.22 -7.71
CA ILE A 364 16.12 -17.88 -7.20
C ILE A 364 16.81 -16.84 -8.08
N TYR A 365 17.98 -17.19 -8.61
CA TYR A 365 18.62 -16.34 -9.61
C TYR A 365 17.70 -16.11 -10.81
N GLY A 366 16.87 -17.10 -11.14
CA GLY A 366 15.89 -16.92 -12.21
C GLY A 366 14.73 -16.03 -11.84
N LEU A 367 14.51 -15.78 -10.56
CA LEU A 367 13.46 -14.87 -10.11
C LEU A 367 13.98 -13.52 -9.65
N ILE A 368 15.30 -13.31 -9.63
CA ILE A 368 15.84 -12.00 -9.28
C ILE A 368 15.37 -10.94 -10.28
N ALA A 369 15.41 -11.27 -11.58
CA ALA A 369 15.04 -10.28 -12.59
C ALA A 369 13.53 -10.06 -12.66
N PRO A 370 12.68 -11.10 -12.76
CA PRO A 370 11.23 -10.83 -12.81
C PRO A 370 10.71 -10.12 -11.57
N ASN A 371 11.24 -10.40 -10.38
CA ASN A 371 10.81 -9.68 -9.19
C ASN A 371 11.18 -8.21 -9.28
N PHE A 372 12.38 -7.91 -9.76
CA PHE A 372 12.78 -6.53 -9.95
C PHE A 372 11.85 -5.84 -10.95
N GLY A 373 11.51 -6.52 -12.03
CA GLY A 373 10.57 -5.95 -12.98
C GLY A 373 9.20 -5.69 -12.39
N VAL A 374 8.71 -6.64 -11.58
CA VAL A 374 7.40 -6.47 -10.94
C VAL A 374 7.41 -5.26 -10.02
N GLY A 375 8.44 -5.14 -9.18
CA GLY A 375 8.51 -4.00 -8.29
C GLY A 375 8.63 -2.68 -9.02
N PHE A 376 9.49 -2.62 -10.04
CA PHE A 376 9.66 -1.40 -10.81
C PHE A 376 8.37 -1.01 -11.51
N ALA A 377 7.66 -1.98 -12.07
CA ALA A 377 6.42 -1.68 -12.79
C ALA A 377 5.31 -1.24 -11.85
N ILE A 378 5.22 -1.87 -10.67
CA ILE A 378 4.22 -1.44 -9.70
C ILE A 378 4.51 -0.03 -9.22
N GLY A 379 5.79 0.29 -8.99
CA GLY A 379 6.14 1.66 -8.65
C GLY A 379 5.77 2.64 -9.74
N MET A 380 6.04 2.28 -10.99
CA MET A 380 5.63 3.11 -12.12
C MET A 380 4.13 3.38 -12.08
N VAL A 381 3.34 2.30 -11.99
CA VAL A 381 1.89 2.42 -12.05
C VAL A 381 1.37 3.27 -10.90
N ASP A 382 1.86 3.02 -9.68
CA ASP A 382 1.38 3.76 -8.53
C ASP A 382 1.75 5.24 -8.64
N SER A 383 3.02 5.54 -8.87
CA SER A 383 3.48 6.93 -8.89
C SER A 383 2.99 7.68 -10.10
N SER A 384 2.43 7.00 -11.11
CA SER A 384 1.80 7.70 -12.23
C SER A 384 0.30 7.88 -12.02
N MET A 385 -0.40 6.86 -11.55
CA MET A 385 -1.85 6.92 -11.42
C MET A 385 -2.30 7.71 -10.19
N MET A 386 -1.50 7.73 -9.11
CA MET A 386 -1.93 8.51 -7.94
C MET A 386 -2.03 9.99 -8.26
N PRO A 387 -1.03 10.64 -8.89
CA PRO A 387 -1.24 12.03 -9.31
C PRO A 387 -2.37 12.22 -10.31
N ILE A 388 -2.56 11.24 -11.21
CA ILE A 388 -3.58 11.40 -12.24
C ILE A 388 -4.97 11.35 -11.63
N MET A 389 -5.12 10.73 -10.46
CA MET A 389 -6.41 10.74 -9.78
C MET A 389 -6.80 12.16 -9.40
N GLY A 390 -5.90 12.88 -8.74
CA GLY A 390 -6.15 14.26 -8.41
C GLY A 390 -6.29 15.13 -9.64
N TYR A 391 -5.51 14.84 -10.69
CA TYR A 391 -5.62 15.61 -11.92
C TYR A 391 -7.02 15.46 -12.52
N LEU A 392 -7.55 14.24 -12.56
CA LEU A 392 -8.87 13.99 -13.11
C LEU A 392 -9.95 14.66 -12.26
N VAL A 393 -9.87 14.51 -10.93
CA VAL A 393 -10.88 15.13 -10.09
C VAL A 393 -10.81 16.65 -10.15
N ASP A 394 -9.64 17.21 -10.46
CA ASP A 394 -9.54 18.64 -10.68
C ASP A 394 -10.15 19.04 -12.02
N LEU A 395 -9.89 18.23 -13.05
CA LEU A 395 -10.30 18.59 -14.41
C LEU A 395 -11.82 18.51 -14.58
N ARG A 396 -12.44 17.41 -14.15
CA ARG A 396 -13.84 17.18 -14.45
C ARG A 396 -14.72 17.06 -13.21
N HIS A 397 -14.23 17.47 -12.04
CA HIS A 397 -15.02 17.40 -10.81
C HIS A 397 -14.63 18.54 -9.89
N VAL A 398 -15.29 18.60 -8.73
CA VAL A 398 -14.96 19.61 -7.73
C VAL A 398 -13.58 19.31 -7.16
N SER A 399 -12.82 20.37 -6.88
CA SER A 399 -11.44 20.24 -6.40
C SER A 399 -11.45 19.84 -4.93
N VAL A 400 -11.87 18.61 -4.68
CA VAL A 400 -11.81 18.00 -3.35
C VAL A 400 -11.28 16.59 -3.52
N TYR A 401 -10.30 16.22 -2.69
CA TYR A 401 -9.50 15.03 -2.95
C TYR A 401 -9.74 13.91 -1.96
N GLY A 402 -10.65 14.08 -1.00
CA GLY A 402 -10.94 12.98 -0.09
C GLY A 402 -11.54 11.78 -0.77
N SER A 403 -12.54 12.01 -1.63
CA SER A 403 -13.29 10.91 -2.22
C SER A 403 -12.47 10.18 -3.28
N VAL A 404 -11.76 10.92 -4.13
CA VAL A 404 -11.00 10.28 -5.20
C VAL A 404 -9.84 9.47 -4.65
N TYR A 405 -9.20 9.97 -3.59
CA TYR A 405 -8.10 9.21 -3.02
C TYR A 405 -8.60 8.11 -2.09
N ALA A 406 -9.82 8.24 -1.58
CA ALA A 406 -10.48 7.08 -0.98
C ALA A 406 -10.71 5.99 -2.02
N ILE A 407 -11.09 6.39 -3.25
CA ILE A 407 -11.25 5.42 -4.33
C ILE A 407 -9.92 4.76 -4.65
N ALA A 408 -8.83 5.54 -4.69
CA ALA A 408 -7.51 4.95 -4.93
C ALA A 408 -7.12 3.98 -3.82
N ASP A 409 -7.39 4.34 -2.57
CA ASP A 409 -7.11 3.43 -1.47
C ASP A 409 -7.96 2.17 -1.56
N VAL A 410 -9.21 2.30 -2.00
CA VAL A 410 -10.05 1.13 -2.22
C VAL A 410 -9.46 0.25 -3.30
N ALA A 411 -8.88 0.87 -4.33
CA ALA A 411 -8.21 0.09 -5.38
C ALA A 411 -7.02 -0.68 -4.82
N PHE A 412 -6.23 -0.05 -3.96
CA PHE A 412 -5.12 -0.73 -3.30
C PHE A 412 -5.62 -1.92 -2.48
N CYS A 413 -6.58 -1.65 -1.60
CA CYS A 413 -7.05 -2.67 -0.67
C CYS A 413 -7.81 -3.78 -1.39
N MET A 414 -8.37 -3.49 -2.56
CA MET A 414 -9.10 -4.51 -3.30
C MET A 414 -8.18 -5.66 -3.66
N GLY A 415 -6.95 -5.37 -4.08
CA GLY A 415 -5.99 -6.41 -4.31
C GLY A 415 -5.42 -6.96 -3.02
N TYR A 416 -5.06 -6.06 -2.10
CA TYR A 416 -4.34 -6.50 -0.90
C TYR A 416 -5.22 -7.28 0.07
N ALA A 417 -6.54 -7.31 -0.13
CA ALA A 417 -7.45 -8.03 0.75
C ALA A 417 -7.80 -9.41 0.21
N ILE A 418 -7.97 -9.55 -1.10
CA ILE A 418 -8.27 -10.86 -1.68
C ILE A 418 -7.00 -11.65 -1.95
N GLY A 419 -5.83 -10.99 -1.96
CA GLY A 419 -4.59 -11.67 -2.20
C GLY A 419 -4.36 -12.87 -1.30
N PRO A 420 -4.20 -12.63 0.01
CA PRO A 420 -3.96 -13.76 0.92
C PRO A 420 -5.11 -14.76 0.96
N SER A 421 -6.36 -14.28 0.89
CA SER A 421 -7.50 -15.18 1.04
C SER A 421 -7.67 -16.08 -0.16
N ALA A 422 -7.48 -15.55 -1.37
CA ALA A 422 -7.76 -16.30 -2.58
C ALA A 422 -6.54 -16.94 -3.23
N GLY A 423 -5.39 -16.26 -3.20
CA GLY A 423 -4.23 -16.74 -3.95
C GLY A 423 -3.92 -18.20 -3.70
N GLY A 424 -3.98 -18.62 -2.44
CA GLY A 424 -3.82 -20.03 -2.14
C GLY A 424 -4.90 -20.90 -2.76
N ALA A 425 -6.15 -20.42 -2.75
CA ALA A 425 -7.25 -21.21 -3.30
C ALA A 425 -7.08 -21.42 -4.80
N ILE A 426 -6.73 -20.36 -5.53
CA ILE A 426 -6.50 -20.54 -6.97
C ILE A 426 -5.24 -21.36 -7.22
N ALA A 427 -4.17 -21.12 -6.45
CA ALA A 427 -2.94 -21.86 -6.67
C ALA A 427 -3.10 -23.34 -6.35
N LYS A 428 -4.13 -23.69 -5.58
CA LYS A 428 -4.44 -25.10 -5.35
C LYS A 428 -5.40 -25.66 -6.38
N ALA A 429 -6.39 -24.86 -6.80
CA ALA A 429 -7.34 -25.32 -7.80
C ALA A 429 -6.66 -25.54 -9.15
N ILE A 430 -6.00 -24.51 -9.66
CA ILE A 430 -5.16 -24.64 -10.84
C ILE A 430 -3.71 -24.47 -10.42
N GLY A 431 -2.78 -24.77 -11.33
CA GLY A 431 -1.39 -24.62 -11.02
C GLY A 431 -0.99 -23.18 -10.82
N PHE A 432 0.04 -22.97 -10.01
CA PHE A 432 0.62 -21.64 -9.85
C PHE A 432 1.05 -21.03 -11.19
N PRO A 433 1.69 -21.77 -12.11
CA PRO A 433 1.97 -21.17 -13.42
C PRO A 433 0.72 -20.68 -14.14
N TRP A 434 -0.38 -21.42 -14.05
CA TRP A 434 -1.62 -20.97 -14.70
C TRP A 434 -2.16 -19.72 -14.04
N LEU A 435 -2.12 -19.65 -12.70
CA LEU A 435 -2.57 -18.45 -12.01
C LEU A 435 -1.76 -17.24 -12.43
N MET A 436 -0.44 -17.38 -12.51
CA MET A 436 0.38 -16.23 -12.84
C MET A 436 0.24 -15.85 -14.31
N THR A 437 0.04 -16.85 -15.18
CA THR A 437 -0.26 -16.55 -16.58
C THR A 437 -1.56 -15.77 -16.71
N ILE A 438 -2.59 -16.17 -15.95
CA ILE A 438 -3.87 -15.45 -15.99
C ILE A 438 -3.69 -14.02 -15.52
N ILE A 439 -2.97 -13.83 -14.41
CA ILE A 439 -2.77 -12.48 -13.87
C ILE A 439 -2.00 -11.62 -14.87
N GLY A 440 -0.94 -12.18 -15.46
CA GLY A 440 -0.16 -11.41 -16.42
C GLY A 440 -0.94 -11.07 -17.68
N ILE A 441 -1.76 -12.02 -18.16
CA ILE A 441 -2.59 -11.76 -19.33
C ILE A 441 -3.59 -10.66 -19.03
N ILE A 442 -4.19 -10.68 -17.83
CA ILE A 442 -5.13 -9.63 -17.45
C ILE A 442 -4.44 -8.28 -17.43
N ASP A 443 -3.23 -8.22 -16.85
CA ASP A 443 -2.50 -6.96 -16.80
C ASP A 443 -2.15 -6.46 -18.20
N ILE A 444 -1.69 -7.37 -19.07
CA ILE A 444 -1.32 -6.96 -20.42
C ILE A 444 -2.53 -6.46 -21.20
N LEU A 445 -3.67 -7.14 -21.05
CA LEU A 445 -4.87 -6.70 -21.75
C LEU A 445 -5.42 -5.39 -21.18
N PHE A 446 -5.24 -5.15 -19.88
CA PHE A 446 -5.64 -3.88 -19.30
C PHE A 446 -4.68 -2.75 -19.61
N ALA A 447 -3.45 -3.07 -20.01
CA ALA A 447 -2.47 -2.03 -20.36
C ALA A 447 -2.96 -1.05 -21.42
N PRO A 448 -3.56 -1.48 -22.54
CA PRO A 448 -4.03 -0.49 -23.52
C PRO A 448 -5.12 0.44 -23.01
N LEU A 449 -5.83 0.07 -21.93
CA LEU A 449 -6.87 0.95 -21.39
C LEU A 449 -6.29 2.25 -20.87
N CYS A 450 -5.00 2.28 -20.52
CA CYS A 450 -4.36 3.51 -20.08
C CYS A 450 -4.14 4.51 -21.22
N PHE A 451 -4.34 4.08 -22.47
CA PHE A 451 -4.21 4.99 -23.60
C PHE A 451 -5.22 6.12 -23.53
N PHE A 452 -6.36 5.90 -22.88
CA PHE A 452 -7.41 6.90 -22.83
C PHE A 452 -7.20 7.96 -21.76
N LEU A 453 -6.12 7.85 -20.97
CA LEU A 453 -5.84 8.81 -19.91
C LEU A 453 -4.95 9.96 -20.36
N ARG A 454 -4.63 10.04 -21.65
CA ARG A 454 -3.80 11.13 -22.14
C ARG A 454 -4.60 12.41 -22.26
N SER A 455 -3.91 13.53 -22.11
CA SER A 455 -4.49 14.88 -22.19
C SER A 455 -4.60 15.33 -23.65
N PRO A 456 -5.71 15.94 -24.02
CA PRO A 456 -5.92 16.35 -25.41
C PRO A 456 -4.87 17.36 -25.89
N PRO A 457 -4.54 18.40 -25.09
CA PRO A 457 -3.56 19.31 -25.70
C PRO A 457 -2.15 18.75 -25.70
#